data_3BUX
#
_entry.id   3BUX
#
_cell.length_a   63.175
_cell.length_b   104.800
_cell.length_c   52.598
_cell.angle_alpha   90.000
_cell.angle_beta   90.410
_cell.angle_gamma   90.000
#
_symmetry.space_group_name_H-M   'P 1 21 1'
#
loop_
_entity.id
_entity.type
_entity.pdbx_description
1 polymer '13-meric peptide from Hepatocyte growth factor receptor'
2 polymer 'E3 ubiquitin-protein ligase CBL'
3 water water
#
loop_
_entity_poly.entity_id
_entity_poly.type
_entity_poly.pdbx_seq_one_letter_code
_entity_poly.pdbx_strand_id
1 'polypeptide(L)' SNESVD(PTR)RATFPE A,C
2 'polypeptide(L)'
;GSLIGLMKDAFQPHHHHHHHLSPHPPGTVDKKMVEKCWKLMDKVVRLCQNPKLALKNSPPYILDLLPDTYQHLRTILSRY
EGKMETLGENEYFRVFMENLMKKTKQTISLFKEGKERMYEENSQPRRNLTKLSLIFSHMLAELKGIFPSGLFQGDTFRIT
KADAAEFWRKAFGEKTIVPWKSFRQALHEVHPISSGLEAMALKSTIDLTCNDYISVFEFDIFTRLFQPWSSLLRNWNSLA
VTHPGYMAFLTYDEVKARLQKFIHKPGSYIFRLSCTRLGQWAIGYVTADGNILQTIPHNKPLFQALIDGFREGFYLFPDG
RNQNPDLTG
;
B,D
#
# COMPACT_ATOMS: atom_id res chain seq x y z
N ASN A 2 -20.88 26.47 10.65
CA ASN A 2 -20.65 25.71 9.38
C ASN A 2 -21.58 24.49 9.30
N GLU A 3 -21.70 23.81 10.44
CA GLU A 3 -22.49 22.60 10.55
C GLU A 3 -23.88 22.60 9.88
N SER A 4 -24.33 23.75 9.41
CA SER A 4 -25.64 23.82 8.77
C SER A 4 -25.64 24.26 7.32
N VAL A 5 -24.47 24.60 6.79
CA VAL A 5 -24.36 25.04 5.41
C VAL A 5 -23.12 24.50 4.69
N ASP A 6 -23.34 23.90 3.52
CA ASP A 6 -22.26 23.34 2.71
C ASP A 6 -21.16 24.35 2.43
N ARG A 8 -19.41 24.74 -0.18
CA ARG A 8 -19.40 25.19 -1.57
C ARG A 8 -20.64 26.01 -1.93
N ALA A 9 -21.50 26.23 -0.93
CA ALA A 9 -22.71 26.99 -1.12
C ALA A 9 -22.54 28.50 -0.86
N PRO B 25 19.09 11.34 -4.71
CA PRO B 25 17.84 11.95 -5.16
C PRO B 25 17.71 11.96 -6.69
N PRO B 26 16.56 12.43 -7.21
CA PRO B 26 16.30 12.49 -8.65
C PRO B 26 17.39 13.26 -9.40
N GLY B 27 17.52 12.98 -10.70
CA GLY B 27 18.52 13.65 -11.51
C GLY B 27 18.27 15.14 -11.68
N THR B 28 19.32 15.87 -12.03
CA THR B 28 19.21 17.30 -12.24
C THR B 28 18.15 17.68 -13.28
N VAL B 29 17.49 18.81 -13.07
CA VAL B 29 16.48 19.28 -13.98
C VAL B 29 16.95 20.41 -14.90
N ASP B 30 16.69 20.26 -16.18
CA ASP B 30 17.06 21.27 -17.15
C ASP B 30 15.88 21.65 -18.05
N LYS B 31 16.04 22.72 -18.81
CA LYS B 31 14.97 23.15 -19.70
C LYS B 31 14.35 21.98 -20.47
N LYS B 32 15.21 21.05 -20.88
CA LYS B 32 14.80 19.87 -21.62
C LYS B 32 13.65 19.07 -20.98
N MET B 33 13.91 18.46 -19.82
CA MET B 33 12.88 17.68 -19.18
C MET B 33 11.63 18.49 -18.86
N VAL B 34 11.80 19.78 -18.58
CA VAL B 34 10.66 20.63 -18.30
C VAL B 34 9.73 20.66 -19.51
N GLU B 35 10.34 20.76 -20.69
CA GLU B 35 9.61 20.77 -21.95
C GLU B 35 8.85 19.46 -22.14
N LYS B 36 9.55 18.35 -21.92
CA LYS B 36 8.96 17.03 -22.04
C LYS B 36 7.77 16.89 -21.12
N CYS B 37 7.91 17.45 -19.92
CA CYS B 37 6.87 17.43 -18.94
C CYS B 37 5.64 18.18 -19.42
N TRP B 38 5.86 19.39 -19.95
CA TRP B 38 4.76 20.18 -20.46
C TRP B 38 4.02 19.45 -21.57
N LYS B 39 4.75 18.72 -22.40
CA LYS B 39 4.15 17.97 -23.46
C LYS B 39 3.30 16.80 -22.93
N LEU B 40 3.81 16.14 -21.90
CA LEU B 40 3.09 15.06 -21.27
C LEU B 40 1.79 15.54 -20.64
N MET B 41 1.85 16.69 -19.98
CA MET B 41 0.66 17.26 -19.37
C MET B 41 -0.36 17.66 -20.42
N ASP B 42 0.14 18.17 -21.54
CA ASP B 42 -0.72 18.56 -22.63
C ASP B 42 -1.54 17.38 -23.12
N LYS B 43 -0.88 16.23 -23.27
CA LYS B 43 -1.56 15.03 -23.69
C LYS B 43 -2.63 14.61 -22.70
N VAL B 44 -2.28 14.63 -21.41
CA VAL B 44 -3.26 14.29 -20.39
C VAL B 44 -4.50 15.16 -20.52
N VAL B 45 -4.28 16.46 -20.70
CA VAL B 45 -5.38 17.39 -20.87
C VAL B 45 -6.27 17.05 -22.07
N ARG B 46 -5.68 16.86 -23.24
CA ARG B 46 -6.49 16.51 -24.40
C ARG B 46 -7.25 15.21 -24.19
N LEU B 47 -6.63 14.28 -23.46
CA LEU B 47 -7.25 13.01 -23.15
C LEU B 47 -8.46 13.19 -22.23
N CYS B 48 -8.31 14.05 -21.24
CA CYS B 48 -9.39 14.33 -20.30
C CYS B 48 -10.47 15.27 -20.85
N GLN B 49 -10.21 15.83 -22.03
CA GLN B 49 -11.20 16.71 -22.66
C GLN B 49 -12.25 15.93 -23.44
N ASN B 50 -12.02 14.62 -23.54
CA ASN B 50 -12.94 13.73 -24.23
C ASN B 50 -14.38 13.86 -23.72
N PRO B 51 -15.30 14.26 -24.61
CA PRO B 51 -16.71 14.41 -24.23
C PRO B 51 -17.29 13.20 -23.48
N LYS B 52 -16.81 12.01 -23.84
CA LYS B 52 -17.29 10.79 -23.20
C LYS B 52 -17.06 10.76 -21.68
N LEU B 53 -15.97 11.38 -21.23
CA LEU B 53 -15.66 11.43 -19.82
C LEU B 53 -16.63 12.29 -19.01
N ALA B 54 -17.14 13.34 -19.66
CA ALA B 54 -18.07 14.23 -19.00
C ALA B 54 -17.56 14.75 -17.66
N LEU B 55 -16.26 15.02 -17.59
CA LEU B 55 -15.69 15.54 -16.37
C LEU B 55 -16.36 16.82 -15.90
N LYS B 56 -16.82 16.82 -14.66
CA LYS B 56 -17.47 18.00 -14.13
C LYS B 56 -16.49 19.01 -13.55
N ASN B 57 -16.75 20.29 -13.79
CA ASN B 57 -15.91 21.34 -13.27
C ASN B 57 -16.03 21.46 -11.77
N SER B 58 -15.43 20.50 -11.09
CA SER B 58 -15.45 20.40 -9.64
C SER B 58 -14.09 19.98 -9.07
N PRO B 59 -13.53 20.77 -8.14
CA PRO B 59 -12.23 20.40 -7.57
C PRO B 59 -12.28 18.98 -6.96
N PRO B 60 -11.26 18.16 -7.24
CA PRO B 60 -10.09 18.44 -8.08
C PRO B 60 -10.44 18.30 -9.56
N TYR B 61 -10.21 19.37 -10.31
CA TYR B 61 -10.51 19.41 -11.72
C TYR B 61 -9.24 19.41 -12.56
N ILE B 62 -8.89 18.24 -13.09
CA ILE B 62 -7.68 18.08 -13.86
C ILE B 62 -7.53 19.04 -15.04
N LEU B 63 -8.64 19.41 -15.68
CA LEU B 63 -8.58 20.33 -16.81
C LEU B 63 -8.06 21.72 -16.43
N ASP B 64 -8.15 22.07 -15.16
CA ASP B 64 -7.62 23.32 -14.70
C ASP B 64 -6.29 23.14 -13.97
N LEU B 65 -6.18 22.05 -13.22
CA LEU B 65 -4.98 21.76 -12.47
C LEU B 65 -3.71 21.65 -13.31
N LEU B 66 -3.77 20.90 -14.41
CA LEU B 66 -2.59 20.78 -15.24
C LEU B 66 -2.17 22.10 -15.91
N PRO B 67 -3.11 22.80 -16.56
CA PRO B 67 -2.72 24.06 -17.17
C PRO B 67 -2.15 25.01 -16.09
N ASP B 68 -2.75 24.98 -14.90
CA ASP B 68 -2.28 25.81 -13.80
C ASP B 68 -0.88 25.44 -13.34
N THR B 69 -0.57 24.14 -13.40
CA THR B 69 0.74 23.68 -13.04
C THR B 69 1.77 24.13 -14.07
N TYR B 70 1.37 24.07 -15.34
CA TYR B 70 2.21 24.52 -16.42
C TYR B 70 2.55 25.98 -16.22
N GLN B 71 1.52 26.77 -15.93
CA GLN B 71 1.69 28.17 -15.71
C GLN B 71 2.65 28.50 -14.56
N HIS B 72 2.45 27.84 -13.41
CA HIS B 72 3.35 28.11 -12.31
C HIS B 72 4.78 27.68 -12.62
N LEU B 73 4.93 26.60 -13.38
CA LEU B 73 6.25 26.16 -13.77
C LEU B 73 6.92 27.23 -14.65
N ARG B 74 6.11 27.87 -15.49
CA ARG B 74 6.63 28.94 -16.33
C ARG B 74 7.08 30.11 -15.47
N THR B 75 6.31 30.38 -14.42
CA THR B 75 6.62 31.44 -13.50
C THR B 75 7.95 31.18 -12.80
N ILE B 76 8.15 29.93 -12.37
CA ILE B 76 9.38 29.54 -11.72
C ILE B 76 10.57 29.71 -12.66
N LEU B 77 10.45 29.15 -13.87
CA LEU B 77 11.52 29.27 -14.85
C LEU B 77 11.87 30.71 -15.14
N SER B 78 10.86 31.58 -15.14
CA SER B 78 11.07 32.98 -15.38
C SER B 78 11.92 33.62 -14.29
N ARG B 79 11.62 33.26 -13.04
CA ARG B 79 12.37 33.78 -11.92
C ARG B 79 13.81 33.32 -11.86
N TYR B 80 14.11 32.25 -12.59
CA TYR B 80 15.46 31.72 -12.64
C TYR B 80 16.12 31.89 -14.01
N GLU B 81 15.71 32.96 -14.70
CA GLU B 81 16.24 33.28 -16.01
C GLU B 81 17.76 33.31 -16.01
N GLY B 82 18.38 32.50 -16.86
CA GLY B 82 19.83 32.47 -16.92
C GLY B 82 20.41 31.58 -15.85
N LYS B 83 19.95 31.75 -14.61
CA LYS B 83 20.43 30.95 -13.49
C LYS B 83 19.76 29.57 -13.37
N MET B 84 19.50 28.94 -14.50
CA MET B 84 18.88 27.64 -14.52
C MET B 84 19.66 26.57 -13.76
N GLU B 85 20.97 26.76 -13.65
CA GLU B 85 21.80 25.81 -12.93
C GLU B 85 21.42 25.67 -11.47
N THR B 86 21.08 26.79 -10.84
CA THR B 86 20.66 26.78 -9.46
C THR B 86 19.34 26.03 -9.27
N LEU B 87 18.36 26.36 -10.10
CA LEU B 87 17.07 25.71 -10.06
C LEU B 87 17.15 24.21 -10.34
N GLY B 88 17.91 23.84 -11.36
CA GLY B 88 18.06 22.44 -11.72
C GLY B 88 18.68 21.59 -10.64
N GLU B 89 19.47 22.20 -9.77
CA GLU B 89 20.11 21.47 -8.69
C GLU B 89 19.27 21.38 -7.41
N ASN B 90 18.24 22.20 -7.32
CA ASN B 90 17.36 22.20 -6.16
C ASN B 90 16.76 20.81 -5.87
N GLU B 91 17.03 20.29 -4.68
CA GLU B 91 16.55 18.98 -4.29
C GLU B 91 15.03 18.77 -4.45
N TYR B 92 14.25 19.67 -3.86
CA TYR B 92 12.81 19.56 -3.98
C TYR B 92 12.33 19.61 -5.43
N PHE B 93 12.83 20.58 -6.20
CA PHE B 93 12.43 20.72 -7.59
C PHE B 93 12.72 19.46 -8.41
N ARG B 94 13.88 18.87 -8.18
CA ARG B 94 14.23 17.65 -8.89
C ARG B 94 13.26 16.52 -8.57
N VAL B 95 12.90 16.41 -7.30
CA VAL B 95 11.95 15.40 -6.88
C VAL B 95 10.57 15.67 -7.47
N PHE B 96 10.17 16.95 -7.45
CA PHE B 96 8.89 17.33 -7.98
C PHE B 96 8.74 17.03 -9.46
N MET B 97 9.72 17.43 -10.26
CA MET B 97 9.67 17.18 -11.69
C MET B 97 9.70 15.69 -12.04
N GLU B 98 10.47 14.92 -11.28
CA GLU B 98 10.52 13.50 -11.51
C GLU B 98 9.14 12.88 -11.29
N ASN B 99 8.47 13.32 -10.22
CA ASN B 99 7.16 12.84 -9.92
C ASN B 99 6.11 13.30 -10.93
N LEU B 100 6.23 14.55 -11.37
CA LEU B 100 5.31 15.07 -12.36
C LEU B 100 5.37 14.25 -13.65
N MET B 101 6.59 13.94 -14.08
CA MET B 101 6.76 13.12 -15.27
C MET B 101 6.15 11.73 -15.09
N LYS B 102 6.42 11.15 -13.92
CA LYS B 102 5.91 9.84 -13.59
C LYS B 102 4.38 9.79 -13.53
N LYS B 103 3.80 10.77 -12.86
CA LYS B 103 2.35 10.84 -12.72
C LYS B 103 1.62 11.10 -14.02
N THR B 104 2.17 11.97 -14.87
CA THR B 104 1.54 12.21 -16.15
C THR B 104 1.60 10.97 -17.05
N LYS B 105 2.74 10.30 -17.02
CA LYS B 105 2.89 9.08 -17.79
C LYS B 105 1.89 8.02 -17.30
N GLN B 106 1.75 7.93 -15.97
CA GLN B 106 0.81 7.01 -15.38
C GLN B 106 -0.62 7.23 -15.88
N THR B 107 -1.01 8.50 -15.92
CA THR B 107 -2.33 8.88 -16.38
C THR B 107 -2.55 8.54 -17.85
N ILE B 108 -1.55 8.86 -18.67
CA ILE B 108 -1.61 8.54 -20.09
C ILE B 108 -1.76 7.03 -20.30
N SER B 109 -0.99 6.26 -19.53
CA SER B 109 -1.07 4.81 -19.62
C SER B 109 -2.44 4.30 -19.18
N LEU B 110 -2.98 4.95 -18.15
CA LEU B 110 -4.29 4.60 -17.64
C LEU B 110 -5.34 4.66 -18.75
N PHE B 111 -5.28 5.71 -19.56
CA PHE B 111 -6.19 5.88 -20.66
C PHE B 111 -6.02 4.83 -21.76
N LYS B 112 -4.78 4.54 -22.11
CA LYS B 112 -4.51 3.56 -23.15
C LYS B 112 -4.91 2.13 -22.77
N GLU B 113 -4.72 1.77 -21.51
CA GLU B 113 -5.08 0.44 -21.04
C GLU B 113 -6.54 0.30 -20.59
N GLY B 114 -7.08 1.40 -20.06
CA GLY B 114 -8.46 1.37 -19.60
C GLY B 114 -9.43 1.38 -20.77
N LYS B 115 -9.00 1.96 -21.88
CA LYS B 115 -9.82 2.03 -23.08
C LYS B 115 -11.23 2.58 -22.85
N GLU B 116 -12.23 1.80 -23.25
CA GLU B 116 -13.61 2.21 -23.09
C GLU B 116 -14.09 2.29 -21.64
N ARG B 117 -13.40 1.58 -20.75
CA ARG B 117 -13.75 1.59 -19.34
C ARG B 117 -13.63 2.97 -18.68
N MET B 118 -12.76 3.81 -19.24
CA MET B 118 -12.57 5.14 -18.70
C MET B 118 -13.86 5.97 -18.67
N TYR B 119 -14.74 5.71 -19.63
CA TYR B 119 -16.00 6.42 -19.74
C TYR B 119 -17.12 5.82 -18.88
N GLU B 120 -16.87 4.62 -18.37
CA GLU B 120 -17.84 3.94 -17.54
C GLU B 120 -17.72 4.31 -16.07
N GLU B 121 -18.59 5.21 -15.62
CA GLU B 121 -18.58 5.63 -14.23
C GLU B 121 -18.59 4.45 -13.26
N ASN B 122 -17.96 4.63 -12.10
CA ASN B 122 -17.88 3.60 -11.08
C ASN B 122 -16.83 2.52 -11.37
N SER B 123 -16.20 2.60 -12.55
CA SER B 123 -15.17 1.65 -12.92
C SER B 123 -13.83 1.93 -12.25
N GLN B 124 -13.00 0.91 -12.10
CA GLN B 124 -11.69 1.11 -11.50
C GLN B 124 -10.80 2.11 -12.22
N PRO B 125 -10.74 2.04 -13.57
CA PRO B 125 -9.90 2.98 -14.31
C PRO B 125 -10.31 4.42 -14.00
N ARG B 126 -11.62 4.67 -13.98
CA ARG B 126 -12.13 5.99 -13.69
C ARG B 126 -11.78 6.43 -12.27
N ARG B 127 -11.89 5.50 -11.33
CA ARG B 127 -11.53 5.79 -9.96
C ARG B 127 -10.06 6.16 -9.86
N ASN B 128 -9.23 5.43 -10.61
CA ASN B 128 -7.82 5.73 -10.62
C ASN B 128 -7.54 7.14 -11.15
N LEU B 129 -8.33 7.58 -12.13
CA LEU B 129 -8.18 8.93 -12.65
C LEU B 129 -8.55 9.96 -11.59
N THR B 130 -9.60 9.65 -10.84
CA THR B 130 -10.02 10.54 -9.77
C THR B 130 -8.91 10.69 -8.73
N LYS B 131 -8.31 9.58 -8.33
CA LYS B 131 -7.24 9.66 -7.37
C LYS B 131 -6.07 10.47 -7.93
N LEU B 132 -5.74 10.24 -9.20
CA LEU B 132 -4.68 11.00 -9.82
C LEU B 132 -4.99 12.50 -9.85
N SER B 133 -6.27 12.82 -10.06
CA SER B 133 -6.69 14.21 -10.06
C SER B 133 -6.41 14.84 -8.69
N LEU B 134 -6.72 14.10 -7.62
CA LEU B 134 -6.43 14.60 -6.28
C LEU B 134 -4.93 14.78 -6.09
N ILE B 135 -4.17 13.81 -6.57
CA ILE B 135 -2.73 13.89 -6.49
C ILE B 135 -2.19 15.13 -7.21
N PHE B 136 -2.69 15.39 -8.42
CA PHE B 136 -2.26 16.59 -9.12
C PHE B 136 -2.60 17.86 -8.36
N SER B 137 -3.74 17.85 -7.69
CA SER B 137 -4.15 18.98 -6.88
C SER B 137 -3.18 19.18 -5.72
N HIS B 138 -2.88 18.12 -4.99
CA HIS B 138 -1.95 18.22 -3.88
C HIS B 138 -0.57 18.67 -4.35
N MET B 139 -0.16 18.17 -5.52
CA MET B 139 1.12 18.53 -6.10
C MET B 139 1.21 20.03 -6.41
N LEU B 140 0.16 20.56 -7.02
CA LEU B 140 0.15 21.98 -7.33
C LEU B 140 0.19 22.83 -6.06
N ALA B 141 -0.58 22.44 -5.06
CA ALA B 141 -0.59 23.15 -3.79
C ALA B 141 0.79 23.15 -3.16
N GLU B 142 1.45 22.00 -3.23
CA GLU B 142 2.79 21.89 -2.69
C GLU B 142 3.78 22.78 -3.43
N LEU B 143 3.73 22.74 -4.76
CA LEU B 143 4.61 23.54 -5.58
C LEU B 143 4.47 25.04 -5.27
N LYS B 144 3.22 25.49 -5.16
CA LYS B 144 2.98 26.90 -4.86
C LYS B 144 3.39 27.27 -3.43
N GLY B 145 3.34 26.29 -2.53
CA GLY B 145 3.73 26.55 -1.17
C GLY B 145 5.23 26.64 -1.02
N ILE B 146 5.96 25.88 -1.84
CA ILE B 146 7.41 25.88 -1.81
C ILE B 146 8.03 26.97 -2.71
N PHE B 147 7.33 27.29 -3.80
CA PHE B 147 7.76 28.30 -4.74
C PHE B 147 6.76 29.46 -4.86
N PRO B 148 6.49 30.15 -3.73
CA PRO B 148 5.55 31.26 -3.78
C PRO B 148 6.10 32.35 -4.72
N SER B 149 5.26 32.82 -5.62
CA SER B 149 5.67 33.82 -6.58
C SER B 149 6.72 33.34 -7.57
N GLY B 150 6.98 32.03 -7.58
CA GLY B 150 7.95 31.47 -8.51
C GLY B 150 9.37 31.26 -8.00
N LEU B 151 9.66 31.78 -6.81
CA LEU B 151 10.98 31.65 -6.22
C LEU B 151 11.01 30.68 -5.04
N PHE B 152 12.06 29.86 -4.99
CA PHE B 152 12.19 28.90 -3.92
C PHE B 152 12.22 29.51 -2.52
N GLN B 153 11.37 29.00 -1.65
CA GLN B 153 11.29 29.47 -0.28
C GLN B 153 11.19 28.30 0.71
N GLY B 154 11.53 27.11 0.24
CA GLY B 154 11.47 25.92 1.08
C GLY B 154 12.26 26.00 2.37
N ASP B 155 13.45 26.59 2.30
CA ASP B 155 14.32 26.71 3.46
C ASP B 155 13.72 27.54 4.61
N THR B 156 12.73 28.36 4.29
CA THR B 156 12.07 29.18 5.29
C THR B 156 10.59 28.85 5.48
N PHE B 157 10.18 27.69 4.94
CA PHE B 157 8.80 27.28 5.05
C PHE B 157 8.27 27.31 6.49
N ARG B 158 7.09 27.87 6.66
CA ARG B 158 6.50 27.98 7.97
C ARG B 158 5.48 26.91 8.34
N ILE B 159 5.88 25.96 9.18
CA ILE B 159 4.97 24.94 9.64
C ILE B 159 3.98 25.53 10.64
N THR B 160 2.69 25.30 10.41
CA THR B 160 1.61 25.84 11.23
C THR B 160 1.68 25.54 12.73
N LYS B 161 1.72 24.27 13.09
CA LYS B 161 1.77 23.90 14.50
C LYS B 161 3.19 23.99 15.09
N ALA B 162 3.33 24.81 16.13
CA ALA B 162 4.60 25.04 16.79
C ALA B 162 5.39 23.79 17.18
N ASP B 163 4.73 22.82 17.81
CA ASP B 163 5.38 21.59 18.20
C ASP B 163 5.91 20.82 16.99
N ALA B 164 5.12 20.79 15.94
CA ALA B 164 5.52 20.11 14.72
C ALA B 164 6.70 20.80 14.07
N ALA B 165 6.65 22.14 14.06
CA ALA B 165 7.73 22.93 13.50
C ALA B 165 9.05 22.65 14.22
N GLU B 166 8.97 22.55 15.55
CA GLU B 166 10.14 22.22 16.34
C GLU B 166 10.72 20.87 15.94
N PHE B 167 9.86 19.88 15.79
CA PHE B 167 10.32 18.57 15.40
C PHE B 167 11.05 18.57 14.06
N TRP B 168 10.44 19.20 13.06
CA TRP B 168 11.07 19.24 11.76
C TRP B 168 12.43 19.90 11.83
N ARG B 169 12.53 20.99 12.57
CA ARG B 169 13.78 21.69 12.73
C ARG B 169 14.86 20.82 13.38
N LYS B 170 14.49 20.16 14.47
CA LYS B 170 15.43 19.29 15.14
C LYS B 170 15.92 18.14 14.29
N ALA B 171 14.99 17.44 13.64
CA ALA B 171 15.35 16.30 12.84
C ALA B 171 15.93 16.60 11.46
N PHE B 172 15.42 17.62 10.80
CA PHE B 172 15.84 17.93 9.44
C PHE B 172 16.33 19.35 9.17
N GLY B 173 16.46 20.16 10.21
CA GLY B 173 16.93 21.52 10.03
C GLY B 173 16.05 22.31 9.08
N GLU B 174 16.64 22.83 8.01
CA GLU B 174 15.91 23.60 7.04
C GLU B 174 15.55 22.86 5.76
N LYS B 175 15.77 21.55 5.75
CA LYS B 175 15.45 20.77 4.57
C LYS B 175 13.98 20.87 4.15
N THR B 176 13.75 20.85 2.83
CA THR B 176 12.42 20.93 2.28
C THR B 176 11.79 19.56 1.99
N ILE B 177 12.65 18.58 1.76
CA ILE B 177 12.18 17.26 1.46
C ILE B 177 13.12 16.16 1.96
N VAL B 178 12.55 15.05 2.40
CA VAL B 178 13.32 13.92 2.88
C VAL B 178 12.72 12.59 2.44
N PRO B 179 13.57 11.57 2.23
CA PRO B 179 13.04 10.27 1.80
C PRO B 179 12.16 9.68 2.90
N TRP B 180 11.16 8.89 2.51
CA TRP B 180 10.28 8.28 3.49
C TRP B 180 11.03 7.58 4.62
N LYS B 181 12.03 6.77 4.26
CA LYS B 181 12.82 6.06 5.24
C LYS B 181 13.38 6.98 6.33
N SER B 182 13.96 8.09 5.89
CA SER B 182 14.52 9.06 6.81
C SER B 182 13.44 9.65 7.71
N PHE B 183 12.30 9.99 7.12
CA PHE B 183 11.22 10.54 7.89
C PHE B 183 10.70 9.57 8.93
N ARG B 184 10.43 8.33 8.51
CA ARG B 184 9.94 7.30 9.41
C ARG B 184 10.87 7.09 10.61
N GLN B 185 12.17 6.95 10.34
CA GLN B 185 13.13 6.77 11.40
C GLN B 185 13.13 7.94 12.38
N ALA B 186 13.15 9.16 11.83
CA ALA B 186 13.15 10.33 12.66
C ALA B 186 11.90 10.47 13.53
N LEU B 187 10.73 10.27 12.93
CA LEU B 187 9.49 10.38 13.66
C LEU B 187 9.38 9.33 14.77
N HIS B 188 9.81 8.11 14.47
CA HIS B 188 9.77 7.03 15.43
C HIS B 188 10.48 7.35 16.77
N GLU B 189 11.51 8.18 16.70
CA GLU B 189 12.24 8.56 17.90
C GLU B 189 11.40 9.35 18.91
N VAL B 190 10.45 10.13 18.40
CA VAL B 190 9.56 10.94 19.23
C VAL B 190 8.15 10.37 19.38
N HIS B 191 7.65 9.77 18.30
CA HIS B 191 6.36 9.13 18.27
C HIS B 191 6.50 7.72 17.76
N PRO B 192 6.76 6.76 18.66
CA PRO B 192 6.92 5.37 18.26
C PRO B 192 5.85 4.79 17.36
N ILE B 193 6.31 4.12 16.31
CA ILE B 193 5.46 3.42 15.38
C ILE B 193 5.54 1.94 15.76
N SER B 194 4.39 1.32 16.01
CA SER B 194 4.38 -0.05 16.48
C SER B 194 4.65 -1.19 15.51
N SER B 195 4.42 -0.99 14.22
CA SER B 195 4.61 -2.08 13.29
C SER B 195 4.90 -1.65 11.86
N GLY B 196 5.31 -2.61 11.05
CA GLY B 196 5.59 -2.36 9.66
C GLY B 196 4.32 -1.95 8.94
N LEU B 197 3.22 -2.64 9.22
CA LEU B 197 1.95 -2.29 8.61
C LEU B 197 1.48 -0.89 9.02
N GLU B 198 1.72 -0.51 10.27
CA GLU B 198 1.35 0.82 10.68
C GLU B 198 2.16 1.86 9.92
N ALA B 199 3.45 1.58 9.76
CA ALA B 199 4.30 2.47 9.02
C ALA B 199 3.81 2.66 7.58
N MET B 200 3.36 1.58 6.96
CA MET B 200 2.84 1.68 5.61
C MET B 200 1.54 2.49 5.54
N ALA B 201 0.68 2.32 6.56
CA ALA B 201 -0.54 3.09 6.62
C ALA B 201 -0.22 4.58 6.81
N LEU B 202 0.80 4.85 7.61
CA LEU B 202 1.23 6.23 7.84
C LEU B 202 1.74 6.86 6.55
N LYS B 203 2.62 6.14 5.85
CA LYS B 203 3.13 6.64 4.59
C LYS B 203 2.02 6.96 3.60
N SER B 204 1.05 6.05 3.48
CA SER B 204 -0.07 6.28 2.58
C SER B 204 -0.85 7.53 2.93
N THR B 205 -0.93 7.83 4.23
CA THR B 205 -1.66 9.00 4.68
C THR B 205 -0.94 10.33 4.46
N ILE B 206 0.35 10.37 4.79
CA ILE B 206 1.15 11.60 4.68
C ILE B 206 1.71 11.91 3.29
N ASP B 207 2.05 10.87 2.53
CA ASP B 207 2.60 11.03 1.20
C ASP B 207 1.51 11.39 0.17
N LEU B 208 0.97 12.60 0.28
CA LEU B 208 -0.09 13.08 -0.59
C LEU B 208 0.27 13.14 -2.07
N THR B 209 1.54 13.42 -2.36
CA THR B 209 1.97 13.48 -3.74
C THR B 209 2.41 12.12 -4.29
N CYS B 210 2.34 11.11 -3.42
CA CYS B 210 2.68 9.73 -3.76
C CYS B 210 4.02 9.57 -4.48
N ASN B 211 5.06 10.14 -3.90
CA ASN B 211 6.38 10.07 -4.49
C ASN B 211 7.47 9.44 -3.61
N ASP B 212 7.06 8.85 -2.49
CA ASP B 212 7.99 8.20 -1.57
C ASP B 212 8.92 9.14 -0.81
N TYR B 213 8.55 10.43 -0.83
CA TYR B 213 9.27 11.45 -0.11
C TYR B 213 8.30 12.21 0.77
N ILE B 214 8.81 12.86 1.81
CA ILE B 214 7.97 13.67 2.65
C ILE B 214 8.48 15.10 2.65
N SER B 215 7.68 16.00 2.09
CA SER B 215 8.09 17.38 2.07
C SER B 215 7.66 18.12 3.32
N VAL B 216 8.30 19.25 3.60
CA VAL B 216 7.92 20.01 4.76
C VAL B 216 6.44 20.42 4.66
N PHE B 217 5.97 20.60 3.43
CA PHE B 217 4.60 20.95 3.14
C PHE B 217 3.65 19.80 3.52
N GLU B 218 3.98 18.58 3.07
CA GLU B 218 3.17 17.42 3.43
C GLU B 218 3.15 17.21 4.94
N PHE B 219 4.30 17.43 5.58
CA PHE B 219 4.38 17.31 7.02
C PHE B 219 3.44 18.33 7.71
N ASP B 220 3.45 19.55 7.19
CA ASP B 220 2.57 20.58 7.71
C ASP B 220 1.10 20.16 7.63
N ILE B 221 0.71 19.66 6.45
CA ILE B 221 -0.65 19.22 6.26
C ILE B 221 -1.06 18.11 7.24
N PHE B 222 -0.23 17.08 7.35
CA PHE B 222 -0.50 15.98 8.25
C PHE B 222 -0.62 16.38 9.72
N THR B 223 0.32 17.19 10.20
CA THR B 223 0.31 17.61 11.58
C THR B 223 -0.84 18.55 11.92
N ARG B 224 -1.33 19.29 10.92
CA ARG B 224 -2.47 20.14 11.15
C ARG B 224 -3.74 19.28 11.24
N LEU B 225 -3.84 18.31 10.33
CA LEU B 225 -4.99 17.40 10.31
C LEU B 225 -5.10 16.51 11.53
N PHE B 226 -3.96 16.04 12.02
CA PHE B 226 -3.96 15.14 13.14
C PHE B 226 -3.45 15.69 14.46
N GLN B 227 -3.54 17.01 14.61
CA GLN B 227 -3.16 17.65 15.86
C GLN B 227 -4.09 17.18 16.97
N PRO B 228 -3.68 17.29 18.24
CA PRO B 228 -2.43 17.84 18.78
C PRO B 228 -1.20 16.94 18.62
N TRP B 229 -0.06 17.59 18.36
CA TRP B 229 1.21 16.90 18.18
C TRP B 229 1.57 15.96 19.34
N SER B 230 1.26 16.39 20.56
CA SER B 230 1.57 15.60 21.74
C SER B 230 1.13 14.13 21.65
N SER B 231 0.03 13.88 20.95
CA SER B 231 -0.49 12.54 20.76
C SER B 231 -0.73 12.23 19.28
N LEU B 232 0.08 12.86 18.43
CA LEU B 232 -0.03 12.73 16.98
C LEU B 232 -0.47 11.37 16.42
N LEU B 233 0.32 10.34 16.65
CA LEU B 233 -0.02 9.04 16.10
C LEU B 233 -1.21 8.36 16.76
N ARG B 234 -1.46 8.66 18.03
CA ARG B 234 -2.62 8.12 18.69
C ARG B 234 -3.86 8.71 18.03
N ASN B 235 -3.80 10.01 17.75
CA ASN B 235 -4.89 10.68 17.09
C ASN B 235 -5.16 10.08 15.72
N TRP B 236 -4.10 9.94 14.93
CA TRP B 236 -4.20 9.38 13.60
C TRP B 236 -4.73 7.93 13.61
N ASN B 237 -4.31 7.16 14.61
CA ASN B 237 -4.80 5.80 14.69
C ASN B 237 -6.31 5.76 14.98
N SER B 238 -6.76 6.62 15.88
CA SER B 238 -8.17 6.67 16.24
C SER B 238 -9.06 7.35 15.19
N LEU B 239 -8.50 8.31 14.46
CA LEU B 239 -9.26 9.05 13.48
C LEU B 239 -9.19 8.54 12.05
N ALA B 240 -8.20 7.69 11.76
CA ALA B 240 -8.04 7.20 10.41
C ALA B 240 -7.76 5.70 10.30
N VAL B 241 -6.78 5.20 11.03
CA VAL B 241 -6.41 3.80 10.94
C VAL B 241 -7.53 2.81 11.28
N THR B 242 -8.33 3.14 12.29
CA THR B 242 -9.41 2.26 12.72
C THR B 242 -10.81 2.88 12.65
N HIS B 243 -10.90 4.08 12.08
CA HIS B 243 -12.18 4.78 11.99
C HIS B 243 -12.92 4.54 10.68
N PRO B 244 -14.13 3.96 10.74
CA PRO B 244 -14.89 3.71 9.51
C PRO B 244 -15.30 4.96 8.74
N GLY B 245 -15.31 6.12 9.40
CA GLY B 245 -15.72 7.34 8.74
C GLY B 245 -14.66 8.00 7.86
N TYR B 246 -13.38 7.67 8.11
CA TYR B 246 -12.30 8.25 7.32
C TYR B 246 -12.23 7.75 5.88
N MET B 247 -12.12 8.67 4.94
CA MET B 247 -12.04 8.34 3.54
C MET B 247 -10.78 8.92 2.91
N ALA B 248 -9.72 8.13 2.83
CA ALA B 248 -8.46 8.61 2.31
C ALA B 248 -8.54 9.61 1.13
N PHE B 249 -8.13 9.18 -0.04
CA PHE B 249 -8.16 10.01 -1.23
C PHE B 249 -9.56 10.15 -1.86
N LEU B 250 -10.47 10.81 -1.14
CA LEU B 250 -11.82 11.02 -1.65
C LEU B 250 -12.12 12.47 -1.97
N THR B 251 -13.00 12.69 -2.94
CA THR B 251 -13.39 14.02 -3.35
C THR B 251 -14.77 14.43 -2.88
N TYR B 252 -15.05 15.73 -3.03
CA TYR B 252 -16.34 16.28 -2.69
C TYR B 252 -17.48 15.53 -3.39
N ASP B 253 -17.34 15.30 -4.69
CA ASP B 253 -18.37 14.59 -5.43
C ASP B 253 -18.51 13.13 -4.99
N GLU B 254 -17.39 12.48 -4.69
CA GLU B 254 -17.46 11.11 -4.24
C GLU B 254 -18.17 10.99 -2.88
N VAL B 255 -18.01 12.00 -2.03
CA VAL B 255 -18.68 11.99 -0.75
C VAL B 255 -20.19 12.05 -0.93
N LYS B 256 -20.64 12.92 -1.84
CA LYS B 256 -22.06 13.01 -2.10
C LYS B 256 -22.61 11.69 -2.66
N ALA B 257 -21.85 11.07 -3.55
CA ALA B 257 -22.26 9.80 -4.13
C ALA B 257 -22.29 8.67 -3.10
N ARG B 258 -21.31 8.65 -2.21
CA ARG B 258 -21.23 7.62 -1.20
C ARG B 258 -22.30 7.72 -0.12
N LEU B 259 -22.65 8.94 0.28
CA LEU B 259 -23.66 9.10 1.30
C LEU B 259 -25.09 8.97 0.77
N GLN B 260 -25.23 8.97 -0.56
CA GLN B 260 -26.54 8.85 -1.17
C GLN B 260 -27.32 7.60 -0.72
N LYS B 261 -26.62 6.48 -0.57
CA LYS B 261 -27.29 5.26 -0.14
C LYS B 261 -27.85 5.36 1.28
N PHE B 262 -27.42 6.41 2.00
CA PHE B 262 -27.88 6.65 3.35
C PHE B 262 -28.74 7.91 3.48
N ILE B 263 -29.30 8.35 2.35
CA ILE B 263 -30.10 9.56 2.34
C ILE B 263 -31.31 9.52 3.27
N HIS B 264 -31.76 8.33 3.62
CA HIS B 264 -32.89 8.18 4.54
C HIS B 264 -32.45 7.88 5.97
N LYS B 265 -31.15 7.97 6.21
CA LYS B 265 -30.58 7.72 7.51
C LYS B 265 -29.79 8.93 8.04
N PRO B 266 -30.51 9.98 8.47
CA PRO B 266 -29.84 11.17 8.99
C PRO B 266 -28.81 10.80 10.07
N GLY B 267 -27.66 11.46 10.05
CA GLY B 267 -26.65 11.16 11.03
C GLY B 267 -25.53 10.35 10.41
N SER B 268 -25.76 9.82 9.21
CA SER B 268 -24.72 9.09 8.52
C SER B 268 -23.65 10.08 8.06
N TYR B 269 -22.39 9.77 8.31
CA TYR B 269 -21.35 10.70 7.95
C TYR B 269 -20.02 10.08 7.59
N ILE B 270 -19.19 10.85 6.89
CA ILE B 270 -17.84 10.45 6.54
C ILE B 270 -16.98 11.69 6.49
N PHE B 271 -15.66 11.53 6.55
CA PHE B 271 -14.79 12.69 6.48
C PHE B 271 -13.53 12.43 5.68
N ARG B 272 -12.99 13.50 5.13
CA ARG B 272 -11.84 13.42 4.26
C ARG B 272 -11.08 14.73 4.24
N LEU B 273 -9.91 14.71 3.62
CA LEU B 273 -9.14 15.92 3.48
C LEU B 273 -9.79 16.86 2.46
N SER B 274 -9.98 18.11 2.85
CA SER B 274 -10.47 19.09 1.90
C SER B 274 -9.41 19.27 0.82
N CYS B 275 -9.77 19.32 -0.45
CA CYS B 275 -8.74 19.51 -1.45
C CYS B 275 -8.41 20.97 -1.74
N THR B 276 -9.35 21.88 -1.53
CA THR B 276 -9.11 23.30 -1.77
C THR B 276 -8.57 24.05 -0.54
N ARG B 277 -8.67 23.40 0.61
CA ARG B 277 -8.17 23.92 1.86
C ARG B 277 -7.29 22.88 2.55
N LEU B 278 -6.18 22.56 1.90
CA LEU B 278 -5.27 21.55 2.41
C LEU B 278 -4.85 21.75 3.86
N GLY B 279 -4.99 20.67 4.63
CA GLY B 279 -4.65 20.74 6.03
C GLY B 279 -5.90 20.79 6.88
N GLN B 280 -7.04 20.94 6.22
CA GLN B 280 -8.32 21.00 6.89
C GLN B 280 -9.26 19.86 6.49
N TRP B 281 -10.16 19.51 7.41
CA TRP B 281 -11.10 18.45 7.18
C TRP B 281 -12.44 18.89 6.59
N ALA B 282 -12.96 18.05 5.71
CA ALA B 282 -14.29 18.23 5.15
C ALA B 282 -15.14 17.07 5.65
N ILE B 283 -16.12 17.38 6.48
CA ILE B 283 -16.99 16.37 7.03
C ILE B 283 -18.35 16.38 6.37
N GLY B 284 -18.74 15.24 5.79
CA GLY B 284 -20.03 15.17 5.14
C GLY B 284 -21.02 14.36 5.93
N TYR B 285 -22.27 14.80 5.96
CA TYR B 285 -23.30 14.09 6.69
C TYR B 285 -24.69 14.25 6.10
N VAL B 286 -25.57 13.32 6.44
CA VAL B 286 -26.94 13.34 5.98
C VAL B 286 -27.82 14.09 6.96
N THR B 287 -28.52 15.10 6.46
CA THR B 287 -29.40 15.91 7.29
C THR B 287 -30.79 15.30 7.46
N ALA B 288 -31.56 15.88 8.38
CA ALA B 288 -32.89 15.40 8.62
C ALA B 288 -33.81 15.56 7.41
N ASP B 289 -33.62 16.65 6.66
CA ASP B 289 -34.44 16.92 5.49
C ASP B 289 -33.95 16.29 4.17
N GLY B 290 -33.04 15.33 4.27
CA GLY B 290 -32.56 14.66 3.08
C GLY B 290 -31.47 15.31 2.26
N ASN B 291 -30.62 16.10 2.89
CA ASN B 291 -29.53 16.73 2.18
C ASN B 291 -28.17 16.24 2.64
N ILE B 292 -27.21 16.28 1.72
CA ILE B 292 -25.86 15.91 2.03
C ILE B 292 -24.99 17.15 2.12
N LEU B 293 -24.65 17.53 3.34
CA LEU B 293 -23.83 18.70 3.56
C LEU B 293 -22.41 18.38 3.96
N GLN B 294 -21.49 19.13 3.38
CA GLN B 294 -20.10 18.99 3.71
C GLN B 294 -19.57 20.31 4.28
N THR B 295 -19.05 20.25 5.49
CA THR B 295 -18.54 21.43 6.12
C THR B 295 -17.12 21.26 6.65
N ILE B 296 -16.47 22.39 6.88
CA ILE B 296 -15.12 22.42 7.40
C ILE B 296 -15.09 23.03 8.80
N PRO B 297 -14.64 22.27 9.80
CA PRO B 297 -14.57 22.76 11.18
C PRO B 297 -13.97 24.15 11.31
N HIS B 298 -14.56 24.96 12.17
CA HIS B 298 -14.08 26.30 12.40
C HIS B 298 -13.33 26.40 13.73
N ASN B 299 -12.03 26.66 13.64
CA ASN B 299 -11.21 26.79 14.83
C ASN B 299 -11.34 25.64 15.83
N LYS B 300 -11.23 24.42 15.34
CA LYS B 300 -11.33 23.27 16.20
C LYS B 300 -10.75 21.98 15.62
N PRO B 301 -10.02 21.20 16.43
CA PRO B 301 -9.41 19.94 15.99
C PRO B 301 -10.48 18.91 15.68
N LEU B 302 -10.13 17.92 14.86
CA LEU B 302 -11.10 16.91 14.48
C LEU B 302 -11.79 16.18 15.64
N PHE B 303 -11.05 15.86 16.70
CA PHE B 303 -11.66 15.19 17.83
C PHE B 303 -12.87 15.95 18.37
N GLN B 304 -12.68 17.25 18.60
CA GLN B 304 -13.74 18.08 19.11
C GLN B 304 -14.90 18.21 18.12
N ALA B 305 -14.57 18.42 16.85
CA ALA B 305 -15.59 18.53 15.83
C ALA B 305 -16.49 17.30 15.78
N LEU B 306 -15.88 16.11 15.84
CA LEU B 306 -16.63 14.88 15.81
C LEU B 306 -17.44 14.66 17.08
N ILE B 307 -16.83 14.93 18.24
CA ILE B 307 -17.54 14.78 19.50
C ILE B 307 -18.77 15.70 19.58
N ASP B 308 -18.60 16.95 19.16
CA ASP B 308 -19.71 17.88 19.16
C ASP B 308 -20.79 17.49 18.15
N GLY B 309 -20.36 17.07 16.97
CA GLY B 309 -21.29 16.65 15.94
C GLY B 309 -22.05 15.41 16.37
N PHE B 310 -21.37 14.55 17.12
CA PHE B 310 -21.99 13.35 17.63
C PHE B 310 -23.13 13.69 18.58
N ARG B 311 -22.81 14.52 19.57
CA ARG B 311 -23.81 14.94 20.52
C ARG B 311 -25.01 15.64 19.85
N GLU B 312 -24.71 16.47 18.86
CA GLU B 312 -25.75 17.18 18.15
C GLU B 312 -26.64 16.28 17.28
N GLY B 313 -26.11 15.11 16.92
CA GLY B 313 -26.86 14.17 16.11
C GLY B 313 -26.46 14.18 14.64
N PHE B 314 -25.48 14.99 14.28
CA PHE B 314 -25.04 15.06 12.89
C PHE B 314 -24.09 13.93 12.48
N TYR B 315 -23.21 13.54 13.41
CA TYR B 315 -22.24 12.50 13.15
C TYR B 315 -22.46 11.27 14.03
N LEU B 316 -23.43 10.45 13.63
CA LEU B 316 -23.80 9.26 14.37
C LEU B 316 -23.38 7.92 13.77
N PHE B 317 -23.52 7.82 12.45
CA PHE B 317 -23.23 6.58 11.76
C PHE B 317 -22.10 6.73 10.74
N PRO B 318 -20.87 6.39 11.15
CA PRO B 318 -19.73 6.53 10.24
C PRO B 318 -19.87 5.60 9.03
N ASP B 319 -19.87 6.19 7.83
CA ASP B 319 -20.08 5.45 6.61
C ASP B 319 -21.36 4.62 6.65
N GLY B 320 -22.35 5.16 7.38
CA GLY B 320 -23.64 4.52 7.50
C GLY B 320 -23.71 3.39 8.52
N ARG B 321 -22.60 3.11 9.17
CA ARG B 321 -22.56 2.02 10.14
C ARG B 321 -23.19 2.37 11.50
N ASN B 322 -23.91 1.41 12.08
CA ASN B 322 -24.58 1.61 13.36
C ASN B 322 -23.67 1.97 14.54
N GLN B 323 -22.47 1.39 14.56
CA GLN B 323 -21.53 1.66 15.62
C GLN B 323 -20.56 2.81 15.34
N ASN B 324 -20.48 3.75 16.27
CA ASN B 324 -19.59 4.89 16.15
C ASN B 324 -18.43 4.82 17.14
N PRO B 325 -17.18 4.95 16.66
CA PRO B 325 -16.04 4.90 17.57
C PRO B 325 -16.20 5.87 18.74
N ASP B 326 -15.78 5.45 19.93
CA ASP B 326 -15.86 6.30 21.10
C ASP B 326 -14.58 7.13 21.26
N LEU B 327 -14.63 8.36 20.77
CA LEU B 327 -13.48 9.24 20.84
C LEU B 327 -13.34 10.01 22.15
N THR B 328 -14.46 10.16 22.86
CA THR B 328 -14.47 10.87 24.12
C THR B 328 -13.78 10.12 25.26
N GLY B 329 -12.47 9.92 25.13
CA GLY B 329 -11.71 9.22 26.15
C GLY B 329 -10.22 9.28 25.88
N ASN C 2 11.15 -28.04 18.45
CA ASN C 2 11.71 -27.16 17.38
C ASN C 2 12.46 -25.97 17.98
N GLU C 3 11.86 -25.40 19.03
CA GLU C 3 12.40 -24.23 19.69
C GLU C 3 13.91 -24.21 19.94
N SER C 4 14.59 -25.34 19.80
CA SER C 4 16.02 -25.40 20.03
C SER C 4 16.88 -25.69 18.80
N VAL C 5 16.25 -25.97 17.67
CA VAL C 5 17.00 -26.26 16.46
C VAL C 5 16.44 -25.61 15.19
N ASP C 6 17.32 -24.93 14.46
CA ASP C 6 16.94 -24.24 13.23
C ASP C 6 16.28 -25.16 12.21
N ARG C 8 16.44 -25.15 9.11
CA ARG C 8 17.30 -25.40 7.98
C ARG C 8 18.58 -26.14 8.36
N ALA C 9 18.59 -26.68 9.57
CA ALA C 9 19.73 -27.43 10.07
C ALA C 9 19.59 -28.95 9.89
N PRO D 25 -12.13 -10.22 -16.24
CA PRO D 25 -10.84 -10.83 -15.90
C PRO D 25 -9.80 -10.68 -17.03
N PRO D 26 -8.56 -11.12 -16.79
CA PRO D 26 -7.50 -11.03 -17.78
C PRO D 26 -7.90 -11.70 -19.10
N GLY D 27 -7.24 -11.31 -20.19
CA GLY D 27 -7.56 -11.88 -21.49
C GLY D 27 -7.23 -13.36 -21.61
N THR D 28 -7.74 -13.99 -22.64
CA THR D 28 -7.51 -15.40 -22.88
C THR D 28 -6.03 -15.75 -23.12
N VAL D 29 -5.60 -16.90 -22.63
CA VAL D 29 -4.23 -17.34 -22.78
C VAL D 29 -4.02 -18.37 -23.88
N ASP D 30 -3.08 -18.08 -24.77
CA ASP D 30 -2.76 -18.99 -25.85
C ASP D 30 -1.27 -19.33 -25.89
N LYS D 31 -0.91 -20.31 -26.71
CA LYS D 31 0.47 -20.70 -26.82
C LYS D 31 1.40 -19.50 -26.96
N LYS D 32 0.93 -18.50 -27.70
CA LYS D 32 1.68 -17.28 -27.94
C LYS D 32 2.19 -16.59 -26.67
N MET D 33 1.28 -16.07 -25.84
CA MET D 33 1.72 -15.40 -24.64
C MET D 33 2.52 -16.27 -23.68
N VAL D 34 2.24 -17.56 -23.65
CA VAL D 34 3.01 -18.46 -22.80
C VAL D 34 4.48 -18.42 -23.21
N GLU D 35 4.70 -18.38 -24.53
CA GLU D 35 6.03 -18.29 -25.11
C GLU D 35 6.72 -17.01 -24.67
N LYS D 36 6.02 -15.89 -24.87
CA LYS D 36 6.54 -14.60 -24.48
C LYS D 36 6.91 -14.58 -23.01
N CYS D 37 6.07 -15.23 -22.21
CA CYS D 37 6.33 -15.31 -20.79
C CYS D 37 7.61 -16.08 -20.49
N TRP D 38 7.78 -17.22 -21.13
CA TRP D 38 8.98 -18.00 -20.94
C TRP D 38 10.23 -17.20 -21.31
N LYS D 39 10.13 -16.42 -22.38
CA LYS D 39 11.23 -15.59 -22.81
C LYS D 39 11.55 -14.50 -21.79
N LEU D 40 10.50 -13.93 -21.21
CA LEU D 40 10.68 -12.92 -20.19
C LEU D 40 11.36 -13.52 -18.96
N MET D 41 10.94 -14.72 -18.59
CA MET D 41 11.54 -15.39 -17.46
C MET D 41 13.01 -15.69 -17.73
N ASP D 42 13.30 -16.04 -18.99
CA ASP D 42 14.66 -16.32 -19.39
C ASP D 42 15.56 -15.11 -19.19
N LYS D 43 15.04 -13.94 -19.55
CA LYS D 43 15.80 -12.73 -19.37
C LYS D 43 16.04 -12.42 -17.90
N VAL D 44 15.03 -12.61 -17.07
CA VAL D 44 15.20 -12.39 -15.64
C VAL D 44 16.32 -13.29 -15.11
N VAL D 45 16.33 -14.54 -15.57
CA VAL D 45 17.35 -15.47 -15.15
C VAL D 45 18.76 -15.02 -15.54
N ARG D 46 18.94 -14.61 -16.79
CA ARG D 46 20.26 -14.15 -17.19
C ARG D 46 20.69 -12.91 -16.41
N LEU D 47 19.71 -12.05 -16.11
CA LEU D 47 19.97 -10.87 -15.33
C LEU D 47 20.40 -11.21 -13.90
N CYS D 48 19.73 -12.21 -13.32
CA CYS D 48 20.05 -12.64 -11.97
C CYS D 48 21.28 -13.54 -11.86
N GLN D 49 21.82 -13.96 -12.99
CA GLN D 49 23.01 -14.78 -13.00
C GLN D 49 24.28 -13.95 -12.91
N ASN D 50 24.11 -12.63 -12.93
CA ASN D 50 25.23 -11.70 -12.84
C ASN D 50 26.09 -11.97 -11.61
N PRO D 51 27.39 -12.27 -11.81
CA PRO D 51 28.30 -12.53 -10.69
C PRO D 51 28.26 -11.46 -9.60
N LYS D 52 28.07 -10.20 -10.01
CA LYS D 52 28.02 -9.10 -9.07
C LYS D 52 26.92 -9.24 -8.01
N LEU D 53 25.81 -9.86 -8.38
CA LEU D 53 24.71 -10.06 -7.45
C LEU D 53 25.05 -11.05 -6.34
N ALA D 54 25.90 -12.01 -6.67
CA ALA D 54 26.32 -13.02 -5.73
C ALA D 54 25.13 -13.71 -5.03
N LEU D 55 24.04 -13.88 -5.78
CA LEU D 55 22.87 -14.52 -5.22
C LEU D 55 23.15 -15.88 -4.60
N LYS D 56 22.77 -16.03 -3.34
CA LYS D 56 22.98 -17.27 -2.65
C LYS D 56 21.87 -18.30 -2.88
N ASN D 57 22.25 -19.57 -2.93
CA ASN D 57 21.28 -20.62 -3.12
C ASN D 57 20.49 -20.85 -1.84
N SER D 58 19.61 -19.90 -1.56
CA SER D 58 18.78 -19.90 -0.37
C SER D 58 17.34 -19.46 -0.66
N PRO D 59 16.34 -20.29 -0.32
CA PRO D 59 14.95 -19.91 -0.58
C PRO D 59 14.60 -18.55 0.03
N PRO D 60 13.95 -17.68 -0.74
CA PRO D 60 13.53 -17.85 -2.14
C PRO D 60 14.69 -17.60 -3.12
N TYR D 61 15.02 -18.62 -3.90
CA TYR D 61 16.10 -18.55 -4.88
C TYR D 61 15.55 -18.41 -6.30
N ILE D 62 15.55 -17.19 -6.81
CA ILE D 62 15.00 -16.91 -8.11
C ILE D 62 15.61 -17.73 -9.27
N LEU D 63 16.88 -18.09 -9.14
CA LEU D 63 17.54 -18.88 -10.18
C LEU D 63 16.95 -20.28 -10.34
N ASP D 64 16.29 -20.78 -9.30
CA ASP D 64 15.62 -22.07 -9.37
C ASP D 64 14.11 -21.90 -9.54
N LEU D 65 13.57 -20.87 -8.91
CA LEU D 65 12.15 -20.61 -8.99
C LEU D 65 11.62 -20.39 -10.40
N LEU D 66 12.31 -19.57 -11.19
CA LEU D 66 11.85 -19.32 -12.53
C LEU D 66 11.92 -20.55 -13.43
N PRO D 67 13.06 -21.28 -13.41
CA PRO D 67 13.16 -22.48 -14.25
C PRO D 67 12.09 -23.49 -13.78
N ASP D 68 11.90 -23.60 -12.47
CA ASP D 68 10.91 -24.52 -11.95
C ASP D 68 9.47 -24.12 -12.35
N THR D 69 9.23 -22.81 -12.46
CA THR D 69 7.93 -22.34 -12.89
C THR D 69 7.72 -22.68 -14.37
N TYR D 70 8.79 -22.52 -15.15
CA TYR D 70 8.75 -22.87 -16.55
C TYR D 70 8.43 -24.36 -16.72
N GLN D 71 9.11 -25.18 -15.92
CA GLN D 71 8.89 -26.60 -15.98
C GLN D 71 7.46 -27.00 -15.63
N HIS D 72 6.89 -26.38 -14.60
CA HIS D 72 5.54 -26.73 -14.26
C HIS D 72 4.55 -26.26 -15.32
N LEU D 73 4.80 -25.09 -15.89
CA LEU D 73 3.96 -24.58 -16.95
C LEU D 73 4.01 -25.50 -18.17
N ARG D 74 5.21 -26.00 -18.49
CA ARG D 74 5.36 -26.92 -19.59
C ARG D 74 4.51 -28.16 -19.36
N THR D 75 4.56 -28.66 -18.13
CA THR D 75 3.77 -29.82 -17.76
C THR D 75 2.28 -29.56 -17.95
N ILE D 76 1.82 -28.41 -17.48
CA ILE D 76 0.43 -28.05 -17.66
C ILE D 76 0.03 -28.06 -19.13
N LEU D 77 0.80 -27.37 -19.96
CA LEU D 77 0.54 -27.33 -21.39
C LEU D 77 0.47 -28.73 -21.99
N SER D 78 1.39 -29.59 -21.54
CA SER D 78 1.42 -30.95 -22.03
C SER D 78 0.13 -31.71 -21.73
N ARG D 79 -0.42 -31.50 -20.55
CA ARG D 79 -1.66 -32.15 -20.17
C ARG D 79 -2.86 -31.67 -20.98
N TYR D 80 -2.76 -30.47 -21.51
CA TYR D 80 -3.83 -29.90 -22.31
C TYR D 80 -3.56 -29.93 -23.81
N GLU D 81 -2.73 -30.88 -24.22
CA GLU D 81 -2.38 -31.05 -25.61
C GLU D 81 -3.60 -31.05 -26.53
N GLY D 82 -3.63 -30.12 -27.47
CA GLY D 82 -4.76 -30.03 -28.38
C GLY D 82 -5.91 -29.25 -27.79
N LYS D 83 -6.27 -29.56 -26.54
CA LYS D 83 -7.35 -28.86 -25.88
C LYS D 83 -6.92 -27.56 -25.21
N MET D 84 -6.07 -26.80 -25.90
CA MET D 84 -5.59 -25.54 -25.40
C MET D 84 -6.70 -24.52 -25.16
N GLU D 85 -7.80 -24.65 -25.89
CA GLU D 85 -8.92 -23.74 -25.73
C GLU D 85 -9.47 -23.76 -24.31
N THR D 86 -9.55 -24.96 -23.72
CA THR D 86 -10.05 -25.10 -22.37
C THR D 86 -9.11 -24.45 -21.34
N LEU D 87 -7.82 -24.68 -21.50
CA LEU D 87 -6.83 -24.11 -20.61
C LEU D 87 -6.78 -22.58 -20.74
N GLY D 88 -6.80 -22.11 -21.97
CA GLY D 88 -6.75 -20.69 -22.25
C GLY D 88 -7.93 -19.89 -21.72
N GLU D 89 -9.06 -20.55 -21.52
CA GLU D 89 -10.25 -19.87 -21.02
C GLU D 89 -10.35 -19.89 -19.49
N ASN D 90 -9.60 -20.79 -18.87
CA ASN D 90 -9.59 -20.91 -17.42
C ASN D 90 -9.30 -19.59 -16.69
N GLU D 91 -10.26 -19.13 -15.90
CA GLU D 91 -10.14 -17.89 -15.17
C GLU D 91 -8.84 -17.75 -14.36
N TYR D 92 -8.55 -18.74 -13.53
CA TYR D 92 -7.34 -18.67 -12.74
C TYR D 92 -6.06 -18.63 -13.59
N PHE D 93 -5.98 -19.51 -14.58
CA PHE D 93 -4.81 -19.55 -15.43
C PHE D 93 -4.57 -18.22 -16.15
N ARG D 94 -5.66 -17.59 -16.60
CA ARG D 94 -5.55 -16.32 -17.27
C ARG D 94 -4.99 -15.24 -16.33
N VAL D 95 -5.48 -15.23 -15.10
CA VAL D 95 -5.01 -14.28 -14.11
C VAL D 95 -3.54 -14.55 -13.75
N PHE D 96 -3.21 -15.83 -13.61
CA PHE D 96 -1.86 -16.20 -13.28
C PHE D 96 -0.86 -15.77 -14.35
N MET D 97 -1.16 -16.10 -15.60
CA MET D 97 -0.27 -15.73 -16.69
C MET D 97 -0.12 -14.22 -16.85
N GLU D 98 -1.21 -13.49 -16.64
CA GLU D 98 -1.15 -12.05 -16.72
C GLU D 98 -0.18 -11.49 -15.66
N ASN D 99 -0.30 -12.03 -14.44
CA ASN D 99 0.57 -11.60 -13.37
C ASN D 99 2.02 -12.02 -13.59
N LEU D 100 2.23 -13.22 -14.14
CA LEU D 100 3.56 -13.68 -14.42
C LEU D 100 4.26 -12.74 -15.39
N MET D 101 3.51 -12.30 -16.41
CA MET D 101 4.05 -11.37 -17.37
C MET D 101 4.40 -10.03 -16.72
N LYS D 102 3.48 -9.54 -15.91
CA LYS D 102 3.67 -8.27 -15.21
C LYS D 102 4.87 -8.30 -14.25
N LYS D 103 4.95 -9.37 -13.44
CA LYS D 103 6.03 -9.50 -12.49
C LYS D 103 7.42 -9.65 -13.13
N THR D 104 7.50 -10.41 -14.21
CA THR D 104 8.77 -10.55 -14.89
C THR D 104 9.20 -9.23 -15.53
N LYS D 105 8.24 -8.53 -16.14
CA LYS D 105 8.53 -7.24 -16.72
C LYS D 105 8.98 -6.26 -15.64
N GLN D 106 8.37 -6.35 -14.47
CA GLN D 106 8.73 -5.48 -13.35
C GLN D 106 10.18 -5.72 -12.91
N THR D 107 10.56 -6.99 -12.85
CA THR D 107 11.90 -7.37 -12.46
C THR D 107 12.93 -6.88 -13.47
N ILE D 108 12.60 -7.00 -14.76
CA ILE D 108 13.48 -6.54 -15.81
C ILE D 108 13.67 -5.02 -15.72
N SER D 109 12.57 -4.31 -15.51
CA SER D 109 12.64 -2.86 -15.36
C SER D 109 13.47 -2.46 -14.15
N LEU D 110 13.37 -3.25 -13.08
CA LEU D 110 14.11 -3.00 -11.87
C LEU D 110 15.61 -2.98 -12.13
N PHE D 111 16.08 -3.96 -12.88
CA PHE D 111 17.49 -4.04 -13.24
C PHE D 111 17.95 -2.90 -14.14
N LYS D 112 17.14 -2.56 -15.14
CA LYS D 112 17.50 -1.50 -16.05
C LYS D 112 17.57 -0.11 -15.39
N GLU D 113 16.66 0.12 -14.44
CA GLU D 113 16.64 1.39 -13.74
C GLU D 113 17.53 1.42 -12.50
N GLY D 114 17.69 0.27 -11.87
CA GLY D 114 18.52 0.19 -10.67
C GLY D 114 20.00 0.27 -10.99
N LYS D 115 20.37 -0.13 -12.20
CA LYS D 115 21.75 -0.11 -12.64
C LYS D 115 22.74 -0.70 -11.62
N GLU D 116 23.79 0.06 -11.32
CA GLU D 116 24.80 -0.41 -10.38
C GLU D 116 24.29 -0.65 -8.95
N ARG D 117 23.19 0.00 -8.58
CA ARG D 117 22.63 -0.17 -7.25
C ARG D 117 22.15 -1.59 -6.95
N MET D 118 21.84 -2.34 -8.00
CA MET D 118 21.41 -3.72 -7.84
C MET D 118 22.42 -4.59 -7.11
N TYR D 119 23.69 -4.28 -7.31
CA TYR D 119 24.78 -5.02 -6.71
C TYR D 119 25.14 -4.55 -5.29
N GLU D 120 24.65 -3.37 -4.93
CA GLU D 120 24.90 -2.82 -3.61
C GLU D 120 23.93 -3.34 -2.56
N GLU D 121 24.39 -4.29 -1.75
CA GLU D 121 23.57 -4.84 -0.70
C GLU D 121 22.96 -3.75 0.19
N ASN D 122 21.76 -4.02 0.70
CA ASN D 122 21.05 -3.08 1.55
C ASN D 122 20.37 -1.95 0.78
N SER D 123 20.59 -1.91 -0.52
CA SER D 123 19.98 -0.89 -1.36
C SER D 123 18.51 -1.20 -1.64
N GLN D 124 17.71 -0.17 -1.95
CA GLN D 124 16.32 -0.40 -2.23
C GLN D 124 16.07 -1.29 -3.45
N PRO D 125 16.83 -1.08 -4.54
CA PRO D 125 16.61 -1.93 -5.72
C PRO D 125 16.82 -3.41 -5.36
N ARG D 126 17.84 -3.68 -4.55
CA ARG D 126 18.11 -5.05 -4.14
C ARG D 126 16.99 -5.60 -3.26
N ARG D 127 16.49 -4.77 -2.35
CA ARG D 127 15.38 -5.17 -1.49
C ARG D 127 14.16 -5.50 -2.34
N ASN D 128 13.93 -4.70 -3.38
CA ASN D 128 12.83 -4.94 -4.26
C ASN D 128 12.98 -6.29 -4.98
N LEU D 129 14.20 -6.63 -5.35
CA LEU D 129 14.45 -7.92 -5.98
C LEU D 129 14.12 -9.06 -5.01
N THR D 130 14.48 -8.87 -3.75
CA THR D 130 14.19 -9.87 -2.75
C THR D 130 12.67 -10.07 -2.60
N LYS D 131 11.92 -8.99 -2.50
CA LYS D 131 10.49 -9.13 -2.41
C LYS D 131 9.92 -9.82 -3.64
N LEU D 132 10.40 -9.44 -4.82
CA LEU D 132 9.94 -10.09 -6.02
C LEU D 132 10.25 -11.58 -6.01
N SER D 133 11.41 -11.93 -5.45
CA SER D 133 11.78 -13.34 -5.36
C SER D 133 10.78 -14.11 -4.49
N LEU D 134 10.34 -13.49 -3.39
CA LEU D 134 9.35 -14.11 -2.55
C LEU D 134 8.05 -14.27 -3.32
N ILE D 135 7.67 -13.23 -4.05
CA ILE D 135 6.47 -13.28 -4.83
C ILE D 135 6.51 -14.42 -5.85
N PHE D 136 7.65 -14.58 -6.54
CA PHE D 136 7.76 -15.69 -7.48
C PHE D 136 7.62 -17.02 -6.77
N SER D 137 8.14 -17.10 -5.56
CA SER D 137 8.02 -18.32 -4.78
C SER D 137 6.56 -18.61 -4.44
N HIS D 138 5.85 -17.59 -3.97
CA HIS D 138 4.43 -17.75 -3.65
C HIS D 138 3.61 -18.11 -4.89
N MET D 139 3.97 -17.50 -6.01
CA MET D 139 3.31 -17.78 -7.26
C MET D 139 3.47 -19.22 -7.70
N LEU D 140 4.67 -19.76 -7.58
CA LEU D 140 4.90 -21.14 -7.94
C LEU D 140 4.13 -22.08 -7.02
N ALA D 141 4.14 -21.78 -5.71
CA ALA D 141 3.41 -22.58 -4.77
C ALA D 141 1.91 -22.60 -5.10
N GLU D 142 1.39 -21.44 -5.44
CA GLU D 142 -0.01 -21.33 -5.80
C GLU D 142 -0.33 -22.14 -7.05
N LEU D 143 0.51 -21.99 -8.07
CA LEU D 143 0.32 -22.70 -9.31
C LEU D 143 0.27 -24.21 -9.10
N LYS D 144 1.18 -24.72 -8.27
CA LYS D 144 1.20 -26.13 -7.97
C LYS D 144 0.03 -26.57 -7.11
N GLY D 145 -0.49 -25.65 -6.31
CA GLY D 145 -1.63 -25.96 -5.47
C GLY D 145 -2.88 -26.10 -6.32
N ILE D 146 -2.99 -25.27 -7.35
CA ILE D 146 -4.15 -25.30 -8.22
C ILE D 146 -4.03 -26.32 -9.36
N PHE D 147 -2.80 -26.52 -9.83
CA PHE D 147 -2.50 -27.47 -10.90
C PHE D 147 -1.58 -28.58 -10.44
N PRO D 148 -1.98 -29.36 -9.43
CA PRO D 148 -1.08 -30.43 -9.01
C PRO D 148 -0.97 -31.44 -10.17
N SER D 149 0.25 -31.81 -10.53
CA SER D 149 0.46 -32.75 -11.61
C SER D 149 0.12 -32.23 -13.01
N GLY D 150 -0.14 -30.93 -13.13
CA GLY D 150 -0.42 -30.35 -14.43
C GLY D 150 -1.87 -30.13 -14.84
N LEU D 151 -2.80 -30.82 -14.18
CA LEU D 151 -4.21 -30.66 -14.51
C LEU D 151 -4.95 -29.71 -13.56
N PHE D 152 -5.84 -28.89 -14.09
CA PHE D 152 -6.58 -27.96 -13.25
C PHE D 152 -7.47 -28.65 -12.21
N GLN D 153 -7.19 -28.36 -10.94
CA GLN D 153 -7.95 -28.92 -9.84
C GLN D 153 -8.45 -27.86 -8.86
N GLY D 154 -8.53 -26.62 -9.34
CA GLY D 154 -8.97 -25.51 -8.49
C GLY D 154 -10.37 -25.67 -7.94
N ASP D 155 -11.28 -26.22 -8.75
CA ASP D 155 -12.66 -26.40 -8.34
C ASP D 155 -12.84 -27.35 -7.16
N THR D 156 -11.82 -28.17 -6.89
CA THR D 156 -11.87 -29.09 -5.78
C THR D 156 -10.79 -28.85 -4.73
N PHE D 157 -10.20 -27.66 -4.77
CA PHE D 157 -9.16 -27.32 -3.82
C PHE D 157 -9.63 -27.49 -2.38
N ARG D 158 -8.78 -28.09 -1.56
CA ARG D 158 -9.13 -28.33 -0.17
C ARG D 158 -8.55 -27.36 0.84
N ILE D 159 -9.35 -26.38 1.25
CA ILE D 159 -8.91 -25.45 2.27
C ILE D 159 -8.66 -26.22 3.57
N THR D 160 -7.53 -25.95 4.21
CA THR D 160 -7.14 -26.65 5.43
C THR D 160 -8.08 -26.55 6.62
N LYS D 161 -8.40 -25.34 7.05
CA LYS D 161 -9.29 -25.16 8.18
C LYS D 161 -10.77 -25.26 7.81
N ALA D 162 -11.47 -26.17 8.48
CA ALA D 162 -12.88 -26.42 8.23
C ALA D 162 -13.78 -25.18 8.18
N ASP D 163 -13.68 -24.33 9.19
CA ASP D 163 -14.47 -23.11 9.22
C ASP D 163 -14.20 -22.20 8.03
N ALA D 164 -12.91 -22.09 7.70
CA ALA D 164 -12.50 -21.29 6.57
C ALA D 164 -13.06 -21.86 5.27
N ALA D 165 -13.00 -23.19 5.15
CA ALA D 165 -13.52 -23.85 3.97
C ALA D 165 -15.00 -23.58 3.78
N GLU D 166 -15.75 -23.63 4.88
CA GLU D 166 -17.17 -23.35 4.83
C GLU D 166 -17.45 -21.94 4.32
N PHE D 167 -16.68 -20.97 4.81
CA PHE D 167 -16.88 -19.61 4.36
C PHE D 167 -16.66 -19.45 2.86
N TRP D 168 -15.56 -20.00 2.35
CA TRP D 168 -15.29 -19.89 0.94
C TRP D 168 -16.39 -20.54 0.10
N ARG D 169 -16.85 -21.72 0.50
CA ARG D 169 -17.91 -22.38 -0.21
C ARG D 169 -19.20 -21.55 -0.25
N LYS D 170 -19.60 -21.03 0.91
CA LYS D 170 -20.80 -20.21 0.98
C LYS D 170 -20.72 -18.95 0.12
N ALA D 171 -19.60 -18.25 0.23
CA ALA D 171 -19.41 -17.02 -0.50
C ALA D 171 -19.07 -17.15 -1.99
N PHE D 172 -18.22 -18.10 -2.34
CA PHE D 172 -17.78 -18.26 -3.72
C PHE D 172 -17.96 -19.63 -4.35
N GLY D 173 -18.66 -20.53 -3.67
CA GLY D 173 -18.86 -21.86 -4.23
C GLY D 173 -17.54 -22.55 -4.53
N GLU D 174 -17.36 -22.96 -5.78
CA GLU D 174 -16.15 -23.64 -6.18
C GLU D 174 -15.15 -22.77 -6.93
N LYS D 175 -15.38 -21.46 -6.91
CA LYS D 175 -14.47 -20.55 -7.58
C LYS D 175 -13.03 -20.67 -7.06
N THR D 176 -12.07 -20.51 -7.96
CA THR D 176 -10.67 -20.60 -7.60
C THR D 176 -10.04 -19.24 -7.31
N ILE D 177 -10.60 -18.21 -7.92
CA ILE D 177 -10.08 -16.87 -7.75
C ILE D 177 -11.17 -15.80 -7.83
N VAL D 178 -11.00 -14.75 -7.03
CA VAL D 178 -11.95 -13.64 -7.03
C VAL D 178 -11.26 -12.29 -6.88
N PRO D 179 -11.87 -11.23 -7.43
CA PRO D 179 -11.28 -9.89 -7.33
C PRO D 179 -11.21 -9.47 -5.86
N TRP D 180 -10.21 -8.68 -5.51
CA TRP D 180 -10.09 -8.21 -4.15
C TRP D 180 -11.39 -7.60 -3.62
N LYS D 181 -11.98 -6.72 -4.42
CA LYS D 181 -13.23 -6.06 -4.04
C LYS D 181 -14.30 -7.05 -3.59
N SER D 182 -14.48 -8.11 -4.39
CA SER D 182 -15.46 -9.13 -4.06
C SER D 182 -15.10 -9.87 -2.76
N PHE D 183 -13.82 -10.17 -2.60
CA PHE D 183 -13.40 -10.85 -1.40
C PHE D 183 -13.64 -10.02 -0.13
N ARG D 184 -13.23 -8.75 -0.19
CA ARG D 184 -13.40 -7.84 0.93
C ARG D 184 -14.86 -7.72 1.37
N GLN D 185 -15.74 -7.52 0.39
CA GLN D 185 -17.16 -7.41 0.67
C GLN D 185 -17.70 -8.67 1.35
N ALA D 186 -17.35 -9.83 0.78
CA ALA D 186 -17.80 -11.08 1.33
C ALA D 186 -17.28 -11.35 2.73
N LEU D 187 -15.99 -11.11 2.96
CA LEU D 187 -15.42 -11.34 4.26
C LEU D 187 -16.01 -10.43 5.33
N HIS D 188 -16.22 -9.17 4.96
CA HIS D 188 -16.79 -8.21 5.88
C HIS D 188 -18.11 -8.63 6.50
N GLU D 189 -18.91 -9.37 5.74
CA GLU D 189 -20.20 -9.84 6.24
C GLU D 189 -20.11 -10.78 7.45
N VAL D 190 -19.00 -11.51 7.54
CA VAL D 190 -18.77 -12.44 8.64
C VAL D 190 -17.73 -11.94 9.65
N HIS D 191 -16.71 -11.26 9.14
CA HIS D 191 -15.67 -10.67 9.93
C HIS D 191 -15.54 -9.19 9.58
N PRO D 192 -16.31 -8.33 10.25
CA PRO D 192 -16.26 -6.89 9.98
C PRO D 192 -14.87 -6.26 9.94
N ILE D 193 -14.65 -5.48 8.89
CA ILE D 193 -13.42 -4.71 8.71
C ILE D 193 -13.75 -3.27 9.12
N SER D 194 -12.99 -2.71 10.04
CA SER D 194 -13.29 -1.39 10.55
C SER D 194 -13.00 -0.16 9.70
N SER D 195 -12.05 -0.24 8.79
CA SER D 195 -11.71 0.92 8.01
C SER D 195 -11.06 0.66 6.67
N GLY D 196 -10.94 1.72 5.87
CA GLY D 196 -10.31 1.60 4.58
C GLY D 196 -8.85 1.21 4.74
N LEU D 197 -8.16 1.85 5.68
CA LEU D 197 -6.77 1.52 5.90
C LEU D 197 -6.58 0.09 6.38
N GLU D 198 -7.51 -0.39 7.22
CA GLU D 198 -7.42 -1.78 7.64
C GLU D 198 -7.58 -2.71 6.45
N ALA D 199 -8.53 -2.37 5.58
CA ALA D 199 -8.75 -3.16 4.39
C ALA D 199 -7.49 -3.25 3.53
N MET D 200 -6.79 -2.12 3.40
CA MET D 200 -5.56 -2.10 2.63
C MET D 200 -4.46 -2.93 3.30
N ALA D 201 -4.39 -2.89 4.62
CA ALA D 201 -3.42 -3.69 5.33
C ALA D 201 -3.73 -5.18 5.14
N LEU D 202 -5.03 -5.50 5.14
CA LEU D 202 -5.47 -6.86 4.94
C LEU D 202 -5.09 -7.36 3.55
N LYS D 203 -5.42 -6.57 2.53
CA LYS D 203 -5.07 -6.94 1.18
C LYS D 203 -3.56 -7.18 1.03
N SER D 204 -2.76 -6.29 1.62
CA SER D 204 -1.32 -6.45 1.55
C SER D 204 -0.85 -7.76 2.16
N THR D 205 -1.53 -8.19 3.21
CA THR D 205 -1.17 -9.43 3.89
C THR D 205 -1.58 -10.71 3.14
N ILE D 206 -2.81 -10.75 2.64
CA ILE D 206 -3.34 -11.93 1.96
C ILE D 206 -2.93 -12.09 0.49
N ASP D 207 -2.79 -10.98 -0.21
CA ASP D 207 -2.42 -10.97 -1.62
C ASP D 207 -0.93 -11.27 -1.84
N LEU D 208 -0.52 -12.50 -1.55
CA LEU D 208 0.86 -12.91 -1.67
C LEU D 208 1.43 -12.83 -3.07
N THR D 209 0.59 -13.05 -4.08
CA THR D 209 1.07 -12.96 -5.44
C THR D 209 1.01 -11.53 -6.01
N CYS D 210 0.51 -10.63 -5.18
CA CYS D 210 0.40 -9.22 -5.52
C CYS D 210 -0.27 -8.92 -6.86
N ASN D 211 -1.45 -9.50 -7.06
CA ASN D 211 -2.17 -9.33 -8.32
C ASN D 211 -3.58 -8.73 -8.19
N ASP D 212 -3.93 -8.25 -7.00
CA ASP D 212 -5.24 -7.65 -6.75
C ASP D 212 -6.41 -8.63 -6.80
N TYR D 213 -6.06 -9.91 -6.74
CA TYR D 213 -7.02 -10.99 -6.71
C TYR D 213 -6.75 -11.87 -5.51
N ILE D 214 -7.77 -12.59 -5.06
CA ILE D 214 -7.59 -13.51 -3.96
C ILE D 214 -7.93 -14.93 -4.41
N SER D 215 -6.94 -15.81 -4.46
CA SER D 215 -7.19 -17.16 -4.86
C SER D 215 -7.58 -18.01 -3.67
N VAL D 216 -8.25 -19.13 -3.93
CA VAL D 216 -8.62 -20.01 -2.86
C VAL D 216 -7.37 -20.48 -2.08
N PHE D 217 -6.25 -20.54 -2.80
CA PHE D 217 -4.97 -20.92 -2.22
C PHE D 217 -4.45 -19.84 -1.25
N GLU D 218 -4.48 -18.59 -1.69
CA GLU D 218 -4.08 -17.48 -0.84
C GLU D 218 -4.95 -17.42 0.41
N PHE D 219 -6.24 -17.69 0.22
CA PHE D 219 -7.16 -17.71 1.33
C PHE D 219 -6.81 -18.81 2.33
N ASP D 220 -6.48 -19.99 1.80
CA ASP D 220 -6.07 -21.09 2.63
C ASP D 220 -4.83 -20.71 3.47
N ILE D 221 -3.83 -20.12 2.80
CA ILE D 221 -2.63 -19.71 3.49
C ILE D 221 -2.91 -18.71 4.63
N PHE D 222 -3.69 -17.68 4.31
CA PHE D 222 -4.01 -16.67 5.31
C PHE D 222 -4.77 -17.24 6.51
N THR D 223 -5.79 -18.05 6.25
CA THR D 223 -6.56 -18.62 7.34
C THR D 223 -5.80 -19.63 8.18
N ARG D 224 -4.77 -20.25 7.60
CA ARG D 224 -3.96 -21.16 8.39
C ARG D 224 -3.04 -20.35 9.30
N LEU D 225 -2.45 -19.30 8.75
CA LEU D 225 -1.57 -18.43 9.51
C LEU D 225 -2.24 -17.68 10.65
N PHE D 226 -3.46 -17.22 10.41
CA PHE D 226 -4.17 -16.45 11.39
C PHE D 226 -5.34 -17.11 12.10
N GLN D 227 -5.33 -18.44 12.12
CA GLN D 227 -6.34 -19.19 12.82
C GLN D 227 -6.25 -18.86 14.32
N PRO D 228 -7.32 -19.11 15.09
CA PRO D 228 -8.61 -19.68 14.71
C PRO D 228 -9.52 -18.75 13.93
N TRP D 229 -10.27 -19.34 12.99
CA TRP D 229 -11.20 -18.60 12.16
C TRP D 229 -12.22 -17.77 12.95
N SER D 230 -12.72 -18.32 14.05
CA SER D 230 -13.70 -17.61 14.87
C SER D 230 -13.35 -16.14 15.18
N SER D 231 -12.06 -15.87 15.35
CA SER D 231 -11.61 -14.50 15.63
C SER D 231 -10.54 -14.04 14.63
N LEU D 232 -10.65 -14.55 13.41
CA LEU D 232 -9.71 -14.28 12.33
C LEU D 232 -9.05 -12.89 12.28
N LEU D 233 -9.86 -11.86 12.07
CA LEU D 233 -9.31 -10.51 12.00
C LEU D 233 -8.78 -9.95 13.30
N ARG D 234 -9.34 -10.38 14.43
CA ARG D 234 -8.82 -9.94 15.70
C ARG D 234 -7.42 -10.51 15.88
N ASN D 235 -7.25 -11.77 15.45
CA ASN D 235 -5.96 -12.42 15.52
C ASN D 235 -4.94 -11.70 14.66
N TRP D 236 -5.31 -11.46 13.40
CA TRP D 236 -4.43 -10.77 12.47
C TRP D 236 -4.08 -9.35 12.94
N ASN D 237 -5.03 -8.65 13.53
CA ASN D 237 -4.75 -7.32 14.03
C ASN D 237 -3.71 -7.37 15.16
N SER D 238 -3.87 -8.33 16.07
CA SER D 238 -2.95 -8.49 17.20
C SER D 238 -1.57 -9.05 16.83
N LEU D 239 -1.55 -9.94 15.85
CA LEU D 239 -0.32 -10.58 15.43
C LEU D 239 0.47 -9.91 14.31
N ALA D 240 -0.20 -9.02 13.57
CA ALA D 240 0.44 -8.36 12.44
C ALA D 240 0.22 -6.86 12.30
N VAL D 241 -1.03 -6.42 12.37
CA VAL D 241 -1.31 -5.00 12.21
C VAL D 241 -0.63 -4.10 13.23
N THR D 242 -0.58 -4.55 14.49
CA THR D 242 0.02 -3.76 15.55
C THR D 242 1.19 -4.43 16.27
N HIS D 243 1.64 -5.58 15.76
CA HIS D 243 2.73 -6.30 16.42
C HIS D 243 4.11 -5.95 15.84
N PRO D 244 5.03 -5.42 16.67
CA PRO D 244 6.36 -5.08 16.14
C PRO D 244 7.21 -6.26 15.67
N GLY D 245 6.83 -7.46 16.08
CA GLY D 245 7.59 -8.63 15.69
C GLY D 245 7.30 -9.17 14.30
N TYR D 246 6.14 -8.82 13.76
CA TYR D 246 5.75 -9.30 12.45
C TYR D 246 6.53 -8.64 11.32
N MET D 247 7.06 -9.46 10.42
CA MET D 247 7.82 -8.98 9.28
C MET D 247 7.22 -9.48 7.98
N ALA D 248 6.38 -8.65 7.36
CA ALA D 248 5.70 -9.04 6.14
C ALA D 248 6.54 -9.90 5.17
N PHE D 249 6.85 -9.35 4.02
CA PHE D 249 7.63 -10.04 3.01
C PHE D 249 9.13 -10.18 3.32
N LEU D 250 9.48 -10.91 4.38
CA LEU D 250 10.86 -11.12 4.74
C LEU D 250 11.33 -12.55 4.52
N THR D 251 12.63 -12.71 4.24
CA THR D 251 13.21 -14.02 4.03
C THR D 251 14.05 -14.52 5.19
N TYR D 252 14.41 -15.80 5.12
CA TYR D 252 15.25 -16.43 6.13
C TYR D 252 16.56 -15.65 6.34
N ASP D 253 17.21 -15.28 5.24
CA ASP D 253 18.46 -14.55 5.35
C ASP D 253 18.26 -13.15 5.92
N GLU D 254 17.16 -12.50 5.55
CA GLU D 254 16.87 -11.18 6.07
C GLU D 254 16.63 -11.22 7.57
N VAL D 255 16.01 -12.30 8.07
CA VAL D 255 15.79 -12.44 9.49
C VAL D 255 17.11 -12.52 10.24
N LYS D 256 18.04 -13.33 9.74
CA LYS D 256 19.33 -13.43 10.36
C LYS D 256 20.06 -12.08 10.38
N ALA D 257 19.97 -11.35 9.27
CA ALA D 257 20.60 -10.06 9.18
C ALA D 257 19.97 -9.03 10.14
N ARG D 258 18.65 -9.08 10.26
CA ARG D 258 17.95 -8.13 11.12
C ARG D 258 18.17 -8.38 12.62
N LEU D 259 18.23 -9.64 13.03
CA LEU D 259 18.46 -9.95 14.42
C LEU D 259 19.92 -9.81 14.86
N GLN D 260 20.82 -9.69 13.89
CA GLN D 260 22.23 -9.54 14.20
C GLN D 260 22.55 -8.40 15.17
N LYS D 261 21.87 -7.27 15.01
CA LYS D 261 22.11 -6.14 15.90
C LYS D 261 21.70 -6.43 17.34
N PHE D 262 20.93 -7.50 17.53
CA PHE D 262 20.48 -7.90 18.85
C PHE D 262 21.15 -9.18 19.33
N ILE D 263 22.28 -9.50 18.73
CA ILE D 263 23.00 -10.73 19.08
C ILE D 263 23.38 -10.83 20.56
N HIS D 264 23.55 -9.69 21.22
CA HIS D 264 23.89 -9.68 22.63
C HIS D 264 22.66 -9.49 23.53
N LYS D 265 21.48 -9.56 22.91
CA LYS D 265 20.22 -9.41 23.61
C LYS D 265 19.30 -10.63 23.44
N PRO D 266 19.63 -11.74 24.12
CA PRO D 266 18.81 -12.95 24.02
C PRO D 266 17.33 -12.66 24.30
N GLY D 267 16.44 -13.29 23.54
CA GLY D 267 15.03 -13.02 23.73
C GLY D 267 14.49 -12.13 22.63
N SER D 268 15.38 -11.50 21.88
CA SER D 268 14.96 -10.68 20.77
C SER D 268 14.41 -11.58 19.68
N TYR D 269 13.24 -11.25 19.14
CA TYR D 269 12.65 -12.11 18.14
C TYR D 269 11.78 -11.41 17.12
N ILE D 270 11.58 -12.07 15.98
CA ILE D 270 10.71 -11.61 14.94
C ILE D 270 10.09 -12.82 14.25
N PHE D 271 9.00 -12.62 13.53
CA PHE D 271 8.36 -13.73 12.85
C PHE D 271 7.85 -13.34 11.47
N ARG D 272 7.77 -14.32 10.59
CA ARG D 272 7.38 -14.10 9.22
C ARG D 272 6.82 -15.36 8.61
N LEU D 273 6.29 -15.24 7.41
CA LEU D 273 5.80 -16.40 6.72
C LEU D 273 6.94 -17.27 6.22
N SER D 274 6.89 -18.57 6.50
CA SER D 274 7.88 -19.46 5.95
C SER D 274 7.66 -19.50 4.43
N CYS D 275 8.72 -19.45 3.62
CA CYS D 275 8.48 -19.49 2.20
C CYS D 275 8.45 -20.92 1.62
N THR D 276 9.13 -21.86 2.27
CA THR D 276 9.12 -23.24 1.79
C THR D 276 7.99 -24.09 2.37
N ARG D 277 7.39 -23.57 3.44
CA ARG D 277 6.26 -24.18 4.10
C ARG D 277 5.12 -23.17 4.19
N LEU D 278 4.63 -22.75 3.02
CA LEU D 278 3.57 -21.77 2.97
C LEU D 278 2.36 -22.10 3.82
N GLY D 279 1.97 -21.15 4.65
CA GLY D 279 0.84 -21.35 5.53
C GLY D 279 1.32 -21.50 6.96
N GLN D 280 2.64 -21.62 7.13
CA GLN D 280 3.23 -21.77 8.44
C GLN D 280 4.18 -20.65 8.79
N TRP D 281 4.36 -20.42 10.10
CA TRP D 281 5.22 -19.38 10.58
C TRP D 281 6.65 -19.80 10.87
N ALA D 282 7.58 -18.91 10.55
CA ALA D 282 8.98 -19.08 10.88
C ALA D 282 9.31 -18.01 11.91
N ILE D 283 9.61 -18.43 13.14
CA ILE D 283 9.93 -17.51 14.19
C ILE D 283 11.41 -17.51 14.50
N GLY D 284 12.03 -16.34 14.38
CA GLY D 284 13.46 -16.24 14.63
C GLY D 284 13.75 -15.54 15.94
N TYR D 285 14.74 -16.04 16.67
CA TYR D 285 15.11 -15.42 17.95
C TYR D 285 16.58 -15.57 18.29
N VAL D 286 17.03 -14.70 19.18
CA VAL D 286 18.39 -14.74 19.67
C VAL D 286 18.49 -15.62 20.91
N THR D 287 19.36 -16.63 20.85
CA THR D 287 19.56 -17.53 21.97
C THR D 287 20.57 -17.01 22.99
N ALA D 288 20.69 -17.72 24.10
CA ALA D 288 21.62 -17.33 25.13
C ALA D 288 23.09 -17.38 24.70
N ASP D 289 23.44 -18.39 23.90
CA ASP D 289 24.80 -18.54 23.43
C ASP D 289 25.17 -17.73 22.17
N GLY D 290 24.35 -16.76 21.81
CA GLY D 290 24.65 -15.95 20.65
C GLY D 290 24.31 -16.48 19.28
N ASN D 291 23.27 -17.31 19.19
CA ASN D 291 22.86 -17.83 17.91
C ASN D 291 21.48 -17.33 17.51
N ILE D 292 21.27 -17.22 16.20
CA ILE D 292 19.99 -16.84 15.66
C ILE D 292 19.28 -18.04 15.07
N LEU D 293 18.29 -18.54 15.79
CA LEU D 293 17.55 -19.70 15.35
C LEU D 293 16.17 -19.37 14.82
N GLN D 294 15.79 -20.05 13.74
CA GLN D 294 14.48 -19.90 13.16
C GLN D 294 13.78 -21.25 13.16
N THR D 295 12.62 -21.30 13.80
CA THR D 295 11.89 -22.53 13.87
C THR D 295 10.43 -22.37 13.49
N ILE D 296 9.81 -23.49 13.15
CA ILE D 296 8.42 -23.51 12.75
C ILE D 296 7.58 -24.26 13.80
N PRO D 297 6.58 -23.58 14.38
CA PRO D 297 5.71 -24.20 15.39
C PRO D 297 5.21 -25.59 15.02
N HIS D 298 5.18 -26.48 16.01
CA HIS D 298 4.71 -27.83 15.79
C HIS D 298 3.34 -28.06 16.40
N ASN D 299 2.33 -28.21 15.55
CA ASN D 299 0.97 -28.44 15.99
C ASN D 299 0.44 -27.40 16.97
N LYS D 300 0.59 -26.12 16.62
CA LYS D 300 0.11 -25.06 17.48
C LYS D 300 -0.03 -23.71 16.76
N PRO D 301 -1.14 -23.01 17.00
CA PRO D 301 -1.41 -21.70 16.38
C PRO D 301 -0.38 -20.68 16.88
N LEU D 302 -0.25 -19.57 16.17
CA LEU D 302 0.73 -18.58 16.55
C LEU D 302 0.58 -18.00 17.96
N PHE D 303 -0.65 -17.75 18.40
CA PHE D 303 -0.84 -17.23 19.75
C PHE D 303 -0.18 -18.11 20.80
N GLN D 304 -0.44 -19.41 20.73
CA GLN D 304 0.14 -20.33 21.69
C GLN D 304 1.66 -20.40 21.57
N ALA D 305 2.16 -20.42 20.34
CA ALA D 305 3.58 -20.47 20.11
C ALA D 305 4.31 -19.26 20.75
N LEU D 306 3.76 -18.07 20.53
CA LEU D 306 4.35 -16.88 21.09
C LEU D 306 4.24 -16.81 22.61
N ILE D 307 3.08 -17.17 23.16
CA ILE D 307 2.91 -17.17 24.59
C ILE D 307 3.86 -18.15 25.29
N ASP D 308 3.95 -19.36 24.74
CA ASP D 308 4.84 -20.36 25.31
C ASP D 308 6.30 -19.92 25.22
N GLY D 309 6.68 -19.34 24.08
CA GLY D 309 8.04 -18.87 23.87
C GLY D 309 8.34 -17.69 24.77
N PHE D 310 7.33 -16.88 25.03
CA PHE D 310 7.48 -15.74 25.93
C PHE D 310 7.85 -16.21 27.33
N ARG D 311 7.06 -17.14 27.86
CA ARG D 311 7.32 -17.69 29.17
C ARG D 311 8.69 -18.35 29.27
N GLU D 312 9.03 -19.00 28.25
CA GLU D 312 10.31 -19.67 28.23
C GLU D 312 11.50 -18.71 28.16
N GLY D 313 11.33 -17.62 27.57
CA GLY D 313 12.38 -16.63 27.49
C GLY D 313 12.93 -16.44 26.08
N PHE D 314 12.37 -17.17 25.11
CA PHE D 314 12.84 -17.04 23.73
C PHE D 314 12.27 -15.84 22.99
N TYR D 315 11.01 -15.54 23.23
CA TYR D 315 10.33 -14.44 22.58
C TYR D 315 9.93 -13.33 23.54
N LEU D 316 10.91 -12.51 23.92
CA LEU D 316 10.70 -11.43 24.86
C LEU D 316 10.69 -10.01 24.28
N PHE D 317 11.57 -9.77 23.32
CA PHE D 317 11.72 -8.46 22.71
C PHE D 317 11.45 -8.47 21.21
N PRO D 318 10.22 -8.11 20.79
CA PRO D 318 9.86 -8.09 19.38
C PRO D 318 10.67 -7.06 18.61
N ASP D 319 11.44 -7.53 17.64
CA ASP D 319 12.32 -6.69 16.85
C ASP D 319 13.30 -5.94 17.76
N GLY D 320 13.65 -6.59 18.88
CA GLY D 320 14.59 -6.00 19.82
C GLY D 320 13.98 -5.00 20.78
N ARG D 321 12.70 -4.73 20.65
CA ARG D 321 12.03 -3.76 21.51
C ARG D 321 11.72 -4.26 22.92
N ASN D 322 11.93 -3.38 23.89
CA ASN D 322 11.71 -3.72 25.30
C ASN D 322 10.28 -4.14 25.64
N GLN D 323 9.31 -3.51 25.00
CA GLN D 323 7.91 -3.83 25.24
C GLN D 323 7.35 -4.90 24.31
N ASN D 324 6.77 -5.94 24.91
CA ASN D 324 6.18 -7.04 24.17
C ASN D 324 4.65 -7.04 24.28
N PRO D 325 3.94 -7.11 23.14
CA PRO D 325 2.48 -7.12 23.19
C PRO D 325 1.93 -8.23 24.09
N ASP D 326 0.92 -7.89 24.89
CA ASP D 326 0.29 -8.85 25.78
C ASP D 326 -0.82 -9.64 25.08
N LEU D 327 -0.46 -10.77 24.50
CA LEU D 327 -1.41 -11.61 23.79
C LEU D 327 -2.25 -12.51 24.69
N THR D 328 -1.81 -12.68 25.93
CA THR D 328 -2.52 -13.51 26.88
C THR D 328 -3.77 -12.87 27.45
N GLY D 329 -4.75 -12.65 26.59
CA GLY D 329 -6.00 -12.04 27.02
C GLY D 329 -7.04 -12.06 25.91
#